data_2WWD
#
_entry.id   2WWD
#
_cell.length_a   59.400
_cell.length_b   66.870
_cell.length_c   77.920
_cell.angle_alpha   90.00
_cell.angle_beta   105.77
_cell.angle_gamma   90.00
#
_symmetry.space_group_name_H-M   'P 1 21 1'
#
loop_
_entity.id
_entity.type
_entity.pdbx_description
1 polymer 1,4-BETA-N-ACETYLMURAMIDASE
2 branched '2-acetamido-2-deoxy-beta-D-glucopyranose-(1-4)-N-acetyl-alpha-muramic acid'
3 non-polymer GLYCEROL
4 non-polymer 'CHOLINE ION'
5 non-polymer ALANINE
6 non-polymer GLUTAMINE
7 water water
#
_entity_poly.entity_id   1
_entity_poly.type   'polypeptide(L)'
_entity_poly.pdbx_seq_one_letter_code
;NETEVAKTSQDTTTASSSSEQNQSSNKTQTSAEVQTNAAAYWDGDYYVKDDGSKAQSEWIFDNYYKAWFYINSDGRYSQN
EWHGNYYLKSGGYMAQNEWIYDSNYKSWFYLKSDGAYAHQEWQLIGNKWYYFKKWGYMAKSQWQGSYFLNGQGAMIQNEW
LYDPAYSAYFYLKSDGTYANQEWQKVGGKWYYFKKWGYMARNEWQGNYYLTGSGAMATDEVIMDGARYIFAASGELKEKK
DLNVGWVHRDGKRYFFNNREEQVGTEHAKKIIDISEHNGRINDWKKVIDENEVDGVIVRLGYSGKEDKELAHNIKELNRL
GIPYGVYLYTYAENETDAENDAKQTIELIKKYNMNLSYPIYYDVENWEYVNKSKRAPSDTDTWVKIINKYMDTMKQAGYQ
NVYVYSYRSLLQTRLKHPDILKHVNWVAAYTNALEWENPYYSGEKGWQYTSSEYMKGIQGRVDVSVWY
;
_entity_poly.pdbx_strand_id   A
#
loop_
_chem_comp.id
_chem_comp.type
_chem_comp.name
_chem_comp.formula
CHT non-polymer 'CHOLINE ION' 'C5 H14 N O 1'
GOL non-polymer GLYCEROL 'C3 H8 O3'
MUB D-saccharide, alpha linking 'N-acetyl-alpha-muramic acid' 'C11 H19 N O8'
NAG D-saccharide, beta linking 2-acetamido-2-deoxy-beta-D-glucopyranose 'C8 H15 N O6'
#
# COMPACT_ATOMS: atom_id res chain seq x y z
N ASN A 37 40.28 36.37 47.09
CA ASN A 37 41.42 36.97 46.32
C ASN A 37 41.21 36.83 44.81
N ALA A 38 40.76 35.66 44.39
CA ALA A 38 40.37 35.39 43.00
C ALA A 38 39.77 34.00 43.04
N ALA A 39 38.44 33.94 43.13
CA ALA A 39 37.72 32.69 43.34
C ALA A 39 36.41 32.68 42.57
N ALA A 40 35.93 31.46 42.28
CA ALA A 40 34.66 31.23 41.62
C ALA A 40 34.45 32.16 40.41
N TYR A 41 35.27 31.97 39.37
CA TYR A 41 35.15 32.75 38.15
C TYR A 41 35.68 32.04 36.91
N TRP A 42 35.14 32.43 35.76
CA TRP A 42 35.61 31.94 34.46
C TRP A 42 36.77 32.75 33.91
N ASP A 43 37.84 32.04 33.58
CA ASP A 43 38.97 32.63 32.88
C ASP A 43 39.03 32.01 31.49
N GLY A 44 38.19 32.51 30.60
CA GLY A 44 38.06 31.99 29.25
C GLY A 44 37.36 30.64 29.31
N ASP A 45 38.05 29.60 28.82
CA ASP A 45 37.53 28.24 28.87
C ASP A 45 37.79 27.57 30.23
N TYR A 46 38.62 28.21 31.06
CA TYR A 46 39.04 27.68 32.35
C TYR A 46 38.14 28.19 33.49
N TYR A 47 38.10 27.46 34.59
CA TYR A 47 37.29 27.88 35.74
C TYR A 47 38.12 27.86 37.02
N VAL A 48 38.04 28.93 37.79
CA VAL A 48 38.77 29.02 39.06
C VAL A 48 37.81 28.71 40.23
N LYS A 49 38.17 27.72 41.03
CA LYS A 49 37.28 27.17 42.06
C LYS A 49 37.16 28.04 43.31
N ASP A 50 36.31 27.59 44.23
CA ASP A 50 36.06 28.26 45.52
C ASP A 50 37.33 28.70 46.23
N ASP A 51 38.27 27.77 46.41
CA ASP A 51 39.59 28.11 46.94
C ASP A 51 40.26 29.14 46.03
N GLY A 52 41.06 28.68 45.08
CA GLY A 52 41.67 29.59 44.10
C GLY A 52 42.40 28.77 43.05
N SER A 53 42.10 27.48 43.03
CA SER A 53 42.73 26.57 42.09
C SER A 53 41.85 26.37 40.85
N LYS A 54 42.48 25.94 39.78
CA LYS A 54 41.80 25.60 38.54
C LYS A 54 41.02 24.30 38.70
N ALA A 55 39.79 24.31 38.20
CA ALA A 55 38.99 23.09 38.14
C ALA A 55 39.61 22.13 37.14
N GLN A 56 39.43 20.85 37.38
CA GLN A 56 39.94 19.82 36.49
C GLN A 56 39.15 18.54 36.65
N SER A 57 38.63 18.02 35.54
CA SER A 57 37.88 16.77 35.54
C SER A 57 36.85 16.73 36.67
N GLU A 58 35.96 17.73 36.68
CA GLU A 58 34.97 17.86 37.75
C GLU A 58 33.78 18.71 37.36
N TRP A 59 32.67 18.47 38.03
CA TRP A 59 31.46 19.26 37.90
C TRP A 59 31.59 20.49 38.79
N ILE A 60 31.14 21.62 38.27
CA ILE A 60 31.04 22.87 39.04
C ILE A 60 29.66 23.47 38.79
N PHE A 61 29.09 24.10 39.81
CA PHE A 61 27.83 24.81 39.64
C PHE A 61 28.08 26.30 39.67
N ASP A 62 27.72 26.97 38.58
CA ASP A 62 27.83 28.41 38.50
C ASP A 62 26.51 29.01 38.99
N ASN A 63 26.60 29.89 39.99
CA ASN A 63 25.42 30.49 40.59
C ASN A 63 24.84 31.62 39.75
N TYR A 64 25.70 32.28 38.98
CA TYR A 64 25.27 33.31 38.03
C TYR A 64 24.38 32.74 36.94
N TYR A 65 24.85 31.66 36.29
CA TYR A 65 24.08 31.00 35.24
C TYR A 65 23.00 30.06 35.79
N LYS A 66 23.15 29.66 37.05
CA LYS A 66 22.33 28.60 37.66
C LYS A 66 22.39 27.32 36.82
N ALA A 67 23.62 26.87 36.56
CA ALA A 67 23.87 25.72 35.68
C ALA A 67 25.09 24.93 36.10
N TRP A 68 25.08 23.64 35.79
CA TRP A 68 26.25 22.79 35.91
C TRP A 68 27.11 22.86 34.65
N PHE A 69 28.41 22.68 34.86
CA PHE A 69 29.41 22.61 33.82
C PHE A 69 30.30 21.45 34.19
N TYR A 70 30.75 20.69 33.19
CA TYR A 70 31.83 19.73 33.43
C TYR A 70 33.15 20.23 32.86
N ILE A 71 34.12 20.36 33.74
CA ILE A 71 35.46 20.82 33.38
C ILE A 71 36.32 19.62 33.04
N ASN A 72 36.86 19.58 31.83
CA ASN A 72 37.60 18.40 31.38
C ASN A 72 39.02 18.35 31.95
N SER A 73 39.75 17.28 31.65
CA SER A 73 41.11 17.07 32.16
C SER A 73 42.10 18.12 31.66
N ASP A 74 41.75 18.78 30.55
CA ASP A 74 42.53 19.88 29.99
C ASP A 74 42.31 21.20 30.77
N GLY A 75 41.37 21.17 31.71
CA GLY A 75 40.98 22.37 32.47
C GLY A 75 39.86 23.19 31.82
N ARG A 76 39.48 22.84 30.60
CA ARG A 76 38.46 23.61 29.85
C ARG A 76 37.06 23.02 30.04
N TYR A 77 36.04 23.87 29.97
CA TYR A 77 34.66 23.37 30.03
C TYR A 77 34.34 22.51 28.81
N SER A 78 33.62 21.41 29.04
CA SER A 78 33.14 20.56 27.96
C SER A 78 31.90 21.18 27.34
N GLN A 79 31.77 21.04 26.03
CA GLN A 79 30.60 21.52 25.31
C GLN A 79 30.33 20.69 24.08
N ASN A 80 29.06 20.63 23.66
CA ASN A 80 28.65 19.83 22.51
C ASN A 80 29.09 18.38 22.61
N GLU A 81 29.02 17.83 23.82
CA GLU A 81 29.47 16.46 24.07
C GLU A 81 28.88 15.89 25.35
N TRP A 82 28.89 14.57 25.43
CA TRP A 82 28.45 13.81 26.58
C TRP A 82 29.55 13.70 27.62
N HIS A 83 29.16 13.63 28.89
CA HIS A 83 30.04 13.12 29.95
C HIS A 83 29.23 12.18 30.82
N GLY A 84 29.41 10.88 30.60
CA GLY A 84 28.62 9.85 31.27
C GLY A 84 27.16 9.98 30.89
N ASN A 85 26.31 10.16 31.89
CA ASN A 85 24.87 10.24 31.68
C ASN A 85 24.33 11.63 31.36
N TYR A 86 25.24 12.60 31.18
CA TYR A 86 24.92 14.02 31.06
C TYR A 86 25.44 14.61 29.76
N TYR A 87 24.74 15.61 29.26
CA TYR A 87 25.12 16.27 28.02
C TYR A 87 25.42 17.74 28.29
N LEU A 88 26.55 18.21 27.77
CA LEU A 88 26.97 19.60 27.89
C LEU A 88 26.72 20.26 26.55
N LYS A 89 25.87 21.27 26.57
CA LYS A 89 25.48 21.96 25.36
C LYS A 89 26.55 22.97 24.96
N SER A 90 26.30 23.66 23.84
CA SER A 90 27.12 24.77 23.38
C SER A 90 27.23 25.83 24.48
N GLY A 91 28.45 26.26 24.77
CA GLY A 91 28.69 27.18 25.88
C GLY A 91 28.88 26.47 27.22
N GLY A 92 28.75 25.14 27.22
CA GLY A 92 29.05 24.33 28.39
C GLY A 92 27.90 23.92 29.31
N TYR A 93 26.73 24.53 29.14
CA TYR A 93 25.59 24.36 30.05
C TYR A 93 25.06 22.93 29.98
N MET A 94 25.01 22.26 31.12
CA MET A 94 24.42 20.92 31.20
C MET A 94 22.93 20.98 30.86
N ALA A 95 22.52 20.15 29.91
CA ALA A 95 21.10 20.03 29.57
C ALA A 95 20.30 19.38 30.71
N GLN A 96 19.12 19.95 30.99
CA GLN A 96 18.21 19.50 32.03
C GLN A 96 16.78 19.70 31.55
N ASN A 97 15.92 18.71 31.82
CA ASN A 97 14.51 18.77 31.40
C ASN A 97 14.36 19.28 29.97
N GLU A 98 15.08 18.67 29.03
CA GLU A 98 15.05 19.13 27.64
C GLU A 98 15.54 18.10 26.64
N TRP A 99 15.10 18.29 25.39
CA TRP A 99 15.54 17.50 24.26
C TRP A 99 16.88 18.01 23.76
N ILE A 100 17.70 17.06 23.32
CA ILE A 100 18.97 17.32 22.64
C ILE A 100 19.00 16.41 21.40
N TYR A 101 19.37 16.99 20.26
CA TYR A 101 19.66 16.17 19.09
C TYR A 101 21.17 16.03 18.90
N ASP A 102 21.63 14.79 18.87
CA ASP A 102 23.06 14.49 18.68
C ASP A 102 23.34 14.02 17.25
N SER A 103 24.08 14.85 16.50
CA SER A 103 24.39 14.58 15.10
C SER A 103 25.29 13.36 14.91
N ASN A 104 26.15 13.07 15.88
CA ASN A 104 26.98 11.87 15.85
C ASN A 104 26.14 10.58 15.83
N TYR A 105 25.06 10.56 16.63
CA TYR A 105 24.19 9.39 16.72
C TYR A 105 22.94 9.52 15.85
N LYS A 106 22.79 10.67 15.19
CA LYS A 106 21.60 10.99 14.41
C LYS A 106 20.36 10.63 15.21
N SER A 107 20.30 11.13 16.44
CA SER A 107 19.24 10.76 17.35
C SER A 107 18.92 11.89 18.32
N TRP A 108 17.63 12.00 18.63
CA TRP A 108 17.15 12.76 19.78
C TRP A 108 17.39 12.00 21.06
N PHE A 109 17.66 12.77 22.11
CA PHE A 109 17.85 12.31 23.47
C PHE A 109 17.04 13.23 24.37
N TYR A 110 16.57 12.71 25.51
CA TYR A 110 15.92 13.56 26.51
C TYR A 110 16.66 13.54 27.84
N LEU A 111 16.92 14.73 28.37
CA LEU A 111 17.66 14.85 29.62
C LEU A 111 16.73 15.20 30.77
N LYS A 112 16.72 14.35 31.78
CA LYS A 112 15.76 14.45 32.88
C LYS A 112 16.08 15.58 33.86
N SER A 113 15.30 15.65 34.94
CA SER A 113 15.43 16.71 35.96
C SER A 113 16.82 16.84 36.57
N ASP A 114 17.50 15.72 36.74
CA ASP A 114 18.86 15.74 37.30
C ASP A 114 19.94 15.76 36.21
N GLY A 115 19.54 15.93 34.95
CA GLY A 115 20.47 15.96 33.82
C GLY A 115 20.72 14.62 33.14
N ALA A 116 20.45 13.52 33.85
CA ALA A 116 20.65 12.16 33.35
C ALA A 116 19.76 11.85 32.16
N TYR A 117 20.31 11.22 31.14
CA TYR A 117 19.54 10.93 29.94
C TYR A 117 18.52 9.82 30.19
N ALA A 118 17.34 9.96 29.61
CA ALA A 118 16.29 8.95 29.69
C ALA A 118 16.69 7.72 28.92
N HIS A 119 16.49 6.54 29.52
CA HIS A 119 16.87 5.31 28.85
C HIS A 119 16.04 4.12 29.35
N GLN A 120 15.71 3.23 28.42
CA GLN A 120 14.91 2.04 28.72
C GLN A 120 13.67 2.37 29.57
N GLU A 121 12.95 3.41 29.14
CA GLU A 121 11.81 3.92 29.91
C GLU A 121 10.93 4.87 29.11
N TRP A 122 9.70 5.02 29.60
CA TRP A 122 8.75 5.97 29.06
C TRP A 122 8.87 7.30 29.78
N GLN A 123 8.64 8.38 29.03
CA GLN A 123 8.57 9.72 29.61
C GLN A 123 7.42 10.50 28.99
N LEU A 124 6.68 11.22 29.82
CA LEU A 124 5.65 12.14 29.35
C LEU A 124 6.28 13.51 29.24
N ILE A 125 6.38 14.02 28.01
CA ILE A 125 7.05 15.29 27.77
C ILE A 125 6.18 16.14 26.85
N GLY A 126 5.82 17.34 27.32
CA GLY A 126 4.92 18.22 26.57
C GLY A 126 3.60 17.54 26.24
N ASN A 127 3.05 16.83 27.23
CA ASN A 127 1.78 16.08 27.14
C ASN A 127 1.75 14.95 26.10
N LYS A 128 2.93 14.41 25.77
CA LYS A 128 3.00 13.26 24.88
C LYS A 128 3.93 12.20 25.45
N TRP A 129 3.66 10.93 25.14
CA TRP A 129 4.48 9.83 25.62
C TRP A 129 5.60 9.49 24.65
N TYR A 130 6.80 9.33 25.20
CA TYR A 130 7.99 8.96 24.45
C TYR A 130 8.63 7.75 25.08
N TYR A 131 9.26 6.92 24.25
CA TYR A 131 10.06 5.82 24.76
C TYR A 131 11.52 5.93 24.31
N PHE A 132 12.42 5.64 25.24
CA PHE A 132 13.86 5.74 25.05
C PHE A 132 14.48 4.39 25.23
N LYS A 133 15.26 3.99 24.24
CA LYS A 133 15.86 2.67 24.21
C LYS A 133 17.15 2.64 25.02
N LYS A 134 17.83 1.51 25.01
CA LYS A 134 19.17 1.42 25.62
C LYS A 134 20.10 2.49 25.02
N TRP A 135 20.89 3.11 25.88
CA TRP A 135 21.80 4.20 25.50
C TRP A 135 21.10 5.51 25.16
N GLY A 136 19.79 5.56 25.43
CA GLY A 136 19.03 6.80 25.38
C GLY A 136 18.40 7.20 24.06
N TYR A 137 18.61 6.40 23.02
CA TYR A 137 18.01 6.67 21.71
C TYR A 137 16.50 6.69 21.82
N MET A 138 15.91 7.82 21.42
CA MET A 138 14.45 7.93 21.32
C MET A 138 13.95 6.93 20.29
N ALA A 139 12.97 6.13 20.69
CA ALA A 139 12.27 5.24 19.76
C ALA A 139 11.39 6.07 18.81
N LYS A 140 11.34 5.64 17.55
CA LYS A 140 10.57 6.32 16.51
C LYS A 140 10.23 5.34 15.39
N SER A 141 9.05 5.50 14.81
CA SER A 141 8.57 4.64 13.71
C SER A 141 8.72 3.13 14.00
N GLN A 142 8.39 2.75 15.23
CA GLN A 142 8.52 1.38 15.68
C GLN A 142 7.61 1.08 16.86
N TRP A 143 7.43 -0.21 17.13
CA TRP A 143 6.69 -0.68 18.29
C TRP A 143 7.55 -0.65 19.54
N GLN A 144 6.89 -0.46 20.67
CA GLN A 144 7.48 -0.75 21.97
C GLN A 144 6.41 -1.51 22.74
N GLY A 145 6.41 -2.83 22.60
CA GLY A 145 5.36 -3.67 23.15
C GLY A 145 4.05 -3.44 22.41
N SER A 146 3.03 -2.99 23.14
CA SER A 146 1.69 -2.78 22.58
C SER A 146 1.46 -1.36 22.03
N TYR A 147 2.50 -0.53 22.08
CA TYR A 147 2.46 0.86 21.66
C TYR A 147 3.29 1.06 20.39
N PHE A 148 2.93 2.08 19.63
CA PHE A 148 3.72 2.43 18.45
C PHE A 148 4.12 3.91 18.50
N LEU A 149 5.39 4.17 18.22
CA LEU A 149 5.94 5.51 18.26
C LEU A 149 6.08 6.03 16.84
N ASN A 150 5.49 7.20 16.56
CA ASN A 150 5.54 7.77 15.21
C ASN A 150 6.94 8.33 14.85
N GLY A 151 7.06 8.99 13.70
CA GLY A 151 8.34 9.47 13.20
C GLY A 151 8.97 10.55 14.05
N GLN A 152 8.12 11.26 14.80
CA GLN A 152 8.58 12.26 15.76
C GLN A 152 8.80 11.67 17.18
N GLY A 153 8.63 10.36 17.30
CA GLY A 153 8.82 9.64 18.56
C GLY A 153 7.60 9.55 19.46
N ALA A 154 6.51 10.21 19.08
CA ALA A 154 5.31 10.28 19.93
C ALA A 154 4.46 9.02 19.82
N MET A 155 4.03 8.51 20.98
CA MET A 155 3.07 7.41 21.03
C MET A 155 1.76 7.76 20.30
N ILE A 156 1.40 6.92 19.34
CA ILE A 156 0.16 7.06 18.56
C ILE A 156 -1.08 6.74 19.40
N GLN A 157 -2.13 7.52 19.19
CA GLN A 157 -3.40 7.40 19.90
C GLN A 157 -4.54 7.66 18.94
N ASN A 158 -5.53 6.77 18.94
CA ASN A 158 -6.69 6.88 18.05
C ASN A 158 -6.27 7.02 16.59
N GLU A 159 -5.40 6.12 16.14
CA GLU A 159 -4.93 6.11 14.76
C GLU A 159 -4.80 4.72 14.16
N TRP A 160 -5.05 4.62 12.86
CA TRP A 160 -4.75 3.43 12.08
C TRP A 160 -3.24 3.32 11.88
N LEU A 161 -2.76 2.08 11.81
CA LEU A 161 -1.39 1.83 11.41
C LEU A 161 -1.29 0.56 10.57
N TYR A 162 -0.86 0.70 9.32
CA TYR A 162 -0.44 -0.46 8.55
C TYR A 162 1.03 -0.74 8.86
N ASP A 163 1.31 -2.00 9.19
CA ASP A 163 2.69 -2.41 9.41
C ASP A 163 3.05 -3.50 8.40
N PRO A 164 3.97 -3.17 7.47
CA PRO A 164 4.41 -4.12 6.45
C PRO A 164 5.00 -5.38 7.07
N ALA A 165 5.80 -5.19 8.14
CA ALA A 165 6.41 -6.30 8.88
C ALA A 165 5.41 -7.37 9.27
N TYR A 166 4.25 -6.95 9.76
CA TYR A 166 3.17 -7.89 10.11
C TYR A 166 2.17 -7.98 8.96
N SER A 167 2.38 -7.15 7.94
CA SER A 167 1.51 -7.06 6.75
C SER A 167 0.04 -7.12 7.14
N ALA A 168 -0.38 -6.13 7.91
CA ALA A 168 -1.77 -6.00 8.34
C ALA A 168 -2.02 -4.63 8.97
N TYR A 169 -3.31 -4.33 9.15
CA TYR A 169 -3.74 -3.11 9.84
C TYR A 169 -3.90 -3.33 11.33
N PHE A 170 -3.55 -2.26 12.05
CA PHE A 170 -3.72 -2.16 13.49
C PHE A 170 -4.40 -0.84 13.79
N TYR A 171 -5.02 -0.76 14.97
CA TYR A 171 -5.60 0.49 15.41
C TYR A 171 -5.16 0.74 16.84
N LEU A 172 -4.46 1.87 17.03
CA LEU A 172 -3.97 2.24 18.34
C LEU A 172 -5.04 3.04 19.06
N LYS A 173 -5.45 2.54 20.21
CA LYS A 173 -6.59 3.06 20.96
C LYS A 173 -6.22 4.33 21.73
N SER A 174 -7.22 4.91 22.40
CA SER A 174 -7.05 6.14 23.19
C SER A 174 -5.91 6.03 24.18
N ASP A 175 -5.75 4.85 24.80
CA ASP A 175 -4.66 4.64 25.77
C ASP A 175 -3.31 4.33 25.11
N GLY A 176 -3.30 4.29 23.77
CA GLY A 176 -2.11 4.01 22.99
C GLY A 176 -1.90 2.54 22.64
N THR A 177 -2.60 1.65 23.34
CA THR A 177 -2.45 0.20 23.11
C THR A 177 -3.21 -0.22 21.86
N TYR A 178 -2.67 -1.20 21.14
CA TYR A 178 -3.33 -1.69 19.94
C TYR A 178 -4.64 -2.39 20.34
N ALA A 179 -5.68 -2.19 19.55
CA ALA A 179 -6.95 -2.85 19.79
C ALA A 179 -6.72 -4.33 19.58
N ASN A 180 -7.26 -5.17 20.48
CA ASN A 180 -7.10 -6.61 20.35
C ASN A 180 -8.21 -7.42 21.00
N GLN A 181 -8.64 -8.46 20.28
CA GLN A 181 -9.74 -9.32 20.73
C GLN A 181 -10.94 -8.48 21.17
N GLU A 182 -11.33 -7.53 20.33
CA GLU A 182 -12.40 -6.59 20.67
C GLU A 182 -12.89 -5.83 19.45
N TRP A 183 -14.11 -5.31 19.57
CA TRP A 183 -14.70 -4.45 18.56
C TRP A 183 -14.27 -3.00 18.79
N GLN A 184 -14.12 -2.26 17.70
CA GLN A 184 -13.89 -0.81 17.79
C GLN A 184 -14.72 -0.11 16.75
N LYS A 185 -15.42 0.93 17.18
CA LYS A 185 -16.07 1.85 16.26
C LYS A 185 -15.09 2.96 15.89
N VAL A 186 -14.76 3.03 14.59
CA VAL A 186 -13.81 4.00 14.05
C VAL A 186 -14.41 4.64 12.80
N GLY A 187 -14.45 5.96 12.80
CA GLY A 187 -15.04 6.73 11.70
C GLY A 187 -16.45 6.29 11.34
N GLY A 188 -17.26 6.00 12.36
CA GLY A 188 -18.67 5.61 12.14
C GLY A 188 -18.93 4.16 11.77
N LYS A 189 -17.85 3.41 11.52
CA LYS A 189 -17.93 1.99 11.19
C LYS A 189 -17.31 1.12 12.29
N TRP A 190 -17.68 -0.14 12.29
CA TRP A 190 -17.25 -1.10 13.30
C TRP A 190 -16.23 -2.05 12.71
N TYR A 191 -15.21 -2.36 13.50
CA TYR A 191 -14.12 -3.21 13.07
C TYR A 191 -13.86 -4.20 14.17
N TYR A 192 -13.40 -5.40 13.80
CA TYR A 192 -12.98 -6.35 14.81
C TYR A 192 -11.49 -6.64 14.73
N PHE A 193 -10.85 -6.55 15.90
CA PHE A 193 -9.42 -6.80 16.04
C PHE A 193 -9.20 -8.10 16.76
N LYS A 194 -8.37 -8.93 16.15
CA LYS A 194 -8.17 -10.28 16.63
C LYS A 194 -7.02 -10.33 17.61
N LYS A 195 -6.60 -11.54 18.01
CA LYS A 195 -5.40 -11.65 18.85
C LYS A 195 -4.21 -11.06 18.09
N TRP A 196 -3.34 -10.37 18.82
CA TRP A 196 -2.17 -9.68 18.25
C TRP A 196 -2.54 -8.43 17.45
N GLY A 197 -3.80 -8.01 17.56
CA GLY A 197 -4.23 -6.72 17.02
C GLY A 197 -4.68 -6.66 15.58
N TYR A 198 -4.61 -7.79 14.88
CA TYR A 198 -4.92 -7.87 13.44
C TYR A 198 -6.36 -7.48 13.17
N MET A 199 -6.54 -6.54 12.25
CA MET A 199 -7.87 -6.17 11.78
C MET A 199 -8.48 -7.34 10.98
N ALA A 200 -9.57 -7.91 11.51
CA ALA A 200 -10.32 -8.89 10.76
C ALA A 200 -10.84 -8.31 9.44
N ARG A 201 -10.71 -9.07 8.36
CA ARG A 201 -11.25 -8.73 7.04
C ARG A 201 -11.60 -9.99 6.26
N ASN A 202 -12.65 -9.93 5.46
CA ASN A 202 -13.18 -11.09 4.72
C ASN A 202 -13.36 -12.33 5.59
N GLU A 203 -13.84 -12.12 6.83
CA GLU A 203 -14.06 -13.20 7.80
C GLU A 203 -15.19 -12.94 8.78
N TRP A 204 -15.69 -14.00 9.41
CA TRP A 204 -16.75 -13.92 10.41
C TRP A 204 -16.19 -13.68 11.79
N GLN A 205 -17.00 -13.01 12.62
CA GLN A 205 -16.76 -12.87 14.05
C GLN A 205 -18.14 -12.97 14.70
N GLY A 206 -18.44 -14.14 15.25
CA GLY A 206 -19.77 -14.44 15.76
C GLY A 206 -20.81 -14.30 14.66
N ASN A 207 -21.84 -13.48 14.91
CA ASN A 207 -22.93 -13.23 13.97
C ASN A 207 -22.63 -12.15 12.94
N TYR A 208 -21.41 -11.62 12.98
CA TYR A 208 -21.01 -10.45 12.19
C TYR A 208 -19.97 -10.84 11.15
N TYR A 209 -20.02 -10.21 9.98
CA TYR A 209 -19.02 -10.46 8.93
C TYR A 209 -18.23 -9.19 8.64
N LEU A 210 -16.91 -9.31 8.73
CA LEU A 210 -16.03 -8.20 8.41
C LEU A 210 -15.68 -8.27 6.95
N THR A 211 -16.00 -7.22 6.20
CA THR A 211 -15.81 -7.19 4.75
C THR A 211 -14.34 -7.01 4.38
N GLY A 212 -14.07 -6.91 3.07
CA GLY A 212 -12.71 -6.71 2.56
C GLY A 212 -11.99 -5.49 3.11
N SER A 213 -12.75 -4.44 3.39
CA SER A 213 -12.21 -3.21 3.98
C SER A 213 -12.06 -3.34 5.50
N GLY A 214 -12.53 -4.45 6.05
CA GLY A 214 -12.51 -4.70 7.49
C GLY A 214 -13.76 -4.25 8.21
N ALA A 215 -14.50 -3.34 7.59
CA ALA A 215 -15.75 -2.83 8.14
C ALA A 215 -16.86 -3.90 8.16
N MET A 216 -17.60 -3.93 9.27
CA MET A 216 -18.74 -4.81 9.48
C MET A 216 -19.78 -4.65 8.36
N ALA A 217 -20.21 -5.78 7.80
CA ALA A 217 -21.30 -5.83 6.81
C ALA A 217 -22.62 -5.40 7.44
N THR A 218 -23.34 -4.52 6.75
CA THR A 218 -24.60 -3.98 7.26
C THR A 218 -25.77 -4.14 6.28
N ASP A 219 -25.56 -4.88 5.20
CA ASP A 219 -26.65 -5.10 4.23
C ASP A 219 -26.72 -6.51 3.64
N GLU A 220 -25.92 -6.75 2.61
CA GLU A 220 -25.92 -8.03 1.89
C GLU A 220 -24.49 -8.39 1.49
N VAL A 221 -24.15 -9.67 1.56
CA VAL A 221 -22.86 -10.17 1.05
C VAL A 221 -23.05 -11.52 0.36
N ILE A 222 -22.64 -11.60 -0.91
CA ILE A 222 -22.63 -12.84 -1.65
C ILE A 222 -21.23 -13.44 -1.59
N MET A 223 -21.16 -14.72 -1.21
CA MET A 223 -19.88 -15.42 -1.03
C MET A 223 -20.15 -16.89 -0.74
N ASP A 224 -19.13 -17.74 -0.99
CA ASP A 224 -19.20 -19.20 -0.76
C ASP A 224 -20.42 -19.86 -1.39
N GLY A 225 -20.91 -19.30 -2.50
CA GLY A 225 -22.11 -19.79 -3.16
C GLY A 225 -23.35 -19.57 -2.33
N ALA A 226 -23.39 -18.42 -1.65
CA ALA A 226 -24.54 -18.04 -0.80
C ALA A 226 -24.73 -16.53 -0.72
N ARG A 227 -25.98 -16.12 -0.58
CA ARG A 227 -26.31 -14.74 -0.27
C ARG A 227 -26.54 -14.59 1.23
N TYR A 228 -25.94 -13.56 1.82
CA TYR A 228 -26.09 -13.28 3.24
C TYR A 228 -26.75 -11.92 3.46
N ILE A 229 -27.75 -11.91 4.33
CA ILE A 229 -28.51 -10.70 4.61
C ILE A 229 -28.28 -10.29 6.06
N PHE A 230 -27.75 -9.09 6.25
CA PHE A 230 -27.43 -8.57 7.57
C PHE A 230 -28.42 -7.47 7.95
N ALA A 231 -28.69 -7.35 9.25
CA ALA A 231 -29.44 -6.20 9.75
C ALA A 231 -28.54 -4.99 9.61
N ALA A 232 -29.12 -3.78 9.67
CA ALA A 232 -28.35 -2.53 9.62
C ALA A 232 -27.33 -2.40 10.75
N SER A 233 -27.60 -3.10 11.86
CA SER A 233 -26.72 -3.12 13.02
C SER A 233 -25.67 -4.26 12.94
N GLY A 234 -25.69 -5.00 11.83
CA GLY A 234 -24.62 -5.95 11.50
C GLY A 234 -24.87 -7.44 11.66
N GLU A 235 -25.81 -7.84 12.51
CA GLU A 235 -26.01 -9.28 12.73
C GLU A 235 -26.69 -9.99 11.56
N LEU A 236 -26.19 -11.17 11.24
CA LEU A 236 -26.76 -11.98 10.16
C LEU A 236 -28.25 -12.24 10.39
N LYS A 237 -29.06 -11.99 9.37
CA LYS A 237 -30.50 -12.23 9.43
C LYS A 237 -30.86 -13.52 8.70
N GLU A 238 -30.26 -13.73 7.53
CA GLU A 238 -30.66 -14.82 6.64
C GLU A 238 -29.57 -15.24 5.66
N LYS A 239 -29.51 -16.54 5.40
CA LYS A 239 -28.59 -17.12 4.44
C LYS A 239 -29.35 -17.91 3.37
N LYS A 240 -29.10 -17.58 2.11
CA LYS A 240 -29.71 -18.27 0.98
C LYS A 240 -28.65 -18.85 0.07
N ASP A 241 -28.68 -20.18 -0.13
CA ASP A 241 -27.76 -20.86 -1.04
C ASP A 241 -28.05 -20.47 -2.48
N LEU A 242 -26.99 -20.11 -3.21
CA LEU A 242 -27.10 -19.76 -4.63
C LEU A 242 -26.15 -20.58 -5.49
N ASN A 243 -26.46 -20.66 -6.78
CA ASN A 243 -25.57 -21.25 -7.77
C ASN A 243 -25.24 -20.18 -8.81
N VAL A 244 -24.07 -19.57 -8.64
CA VAL A 244 -23.68 -18.39 -9.40
C VAL A 244 -22.23 -18.54 -9.89
N GLY A 245 -21.76 -17.61 -10.72
CA GLY A 245 -20.45 -17.71 -11.35
C GLY A 245 -20.51 -18.57 -12.60
N TRP A 246 -19.47 -19.36 -12.82
CA TRP A 246 -19.41 -20.27 -13.96
C TRP A 246 -20.18 -21.54 -13.65
N VAL A 247 -21.36 -21.71 -14.26
CA VAL A 247 -22.18 -22.87 -13.98
C VAL A 247 -22.27 -23.82 -15.18
N HIS A 248 -22.06 -25.10 -14.90
CA HIS A 248 -22.13 -26.14 -15.92
C HIS A 248 -23.53 -26.76 -15.92
N ARG A 249 -24.25 -26.58 -17.03
CA ARG A 249 -25.61 -27.09 -17.18
C ARG A 249 -25.72 -28.10 -18.32
N ASP A 250 -25.68 -29.38 -17.97
CA ASP A 250 -25.83 -30.48 -18.93
C ASP A 250 -25.07 -30.31 -20.25
N GLY A 251 -23.74 -30.28 -20.17
CA GLY A 251 -22.87 -30.16 -21.33
C GLY A 251 -22.55 -28.72 -21.73
N LYS A 252 -23.35 -27.77 -21.22
CA LYS A 252 -23.16 -26.34 -21.53
C LYS A 252 -22.53 -25.58 -20.35
N ARG A 253 -22.09 -24.35 -20.60
CA ARG A 253 -21.48 -23.50 -19.57
C ARG A 253 -21.89 -22.04 -19.74
N TYR A 254 -22.30 -21.42 -18.64
CA TYR A 254 -22.64 -19.99 -18.65
C TYR A 254 -21.99 -19.28 -17.47
N PHE A 255 -21.93 -17.96 -17.56
CA PHE A 255 -21.54 -17.15 -16.40
C PHE A 255 -22.73 -16.38 -15.85
N PHE A 256 -22.99 -16.57 -14.55
CA PHE A 256 -24.02 -15.85 -13.84
C PHE A 256 -23.37 -14.90 -12.83
N ASN A 257 -23.67 -13.61 -12.95
CA ASN A 257 -23.26 -12.64 -11.93
C ASN A 257 -23.98 -12.92 -10.60
N ASN A 258 -23.64 -12.15 -9.56
CA ASN A 258 -24.15 -12.35 -8.20
C ASN A 258 -25.64 -12.09 -8.00
N ARG A 259 -26.25 -11.38 -8.95
CA ARG A 259 -27.70 -11.21 -8.97
C ARG A 259 -28.40 -12.28 -9.84
N GLU A 260 -27.77 -13.45 -9.89
CA GLU A 260 -28.34 -14.68 -10.49
C GLU A 260 -28.79 -14.52 -11.93
N GLU A 261 -28.10 -13.65 -12.65
CA GLU A 261 -28.45 -13.43 -14.04
C GLU A 261 -27.27 -13.67 -14.98
N GLN A 262 -27.61 -14.12 -16.19
CA GLN A 262 -26.65 -14.58 -17.18
C GLN A 262 -25.95 -13.43 -17.89
N VAL A 263 -24.62 -13.53 -17.94
CA VAL A 263 -23.78 -12.59 -18.65
C VAL A 263 -23.27 -13.30 -19.90
N GLY A 264 -23.64 -12.76 -21.06
CA GLY A 264 -23.27 -13.33 -22.35
C GLY A 264 -24.12 -14.54 -22.67
N THR A 265 -23.58 -15.45 -23.47
CA THR A 265 -24.29 -16.66 -23.88
C THR A 265 -23.54 -17.91 -23.41
N GLU A 266 -23.85 -19.05 -24.01
CA GLU A 266 -23.18 -20.32 -23.67
C GLU A 266 -21.76 -20.33 -24.20
N HIS A 267 -21.43 -19.31 -24.99
CA HIS A 267 -20.11 -19.15 -25.59
C HIS A 267 -19.27 -18.14 -24.82
N ALA A 268 -19.79 -17.66 -23.68
CA ALA A 268 -19.03 -16.78 -22.81
C ALA A 268 -17.67 -17.42 -22.44
N LYS A 269 -16.63 -16.59 -22.49
CA LYS A 269 -15.24 -17.02 -22.29
C LYS A 269 -14.67 -16.56 -20.96
N LYS A 270 -13.92 -17.44 -20.32
CA LYS A 270 -13.21 -17.16 -19.08
C LYS A 270 -11.77 -16.71 -19.38
N ILE A 271 -11.46 -15.47 -19.01
CA ILE A 271 -10.16 -14.86 -19.32
C ILE A 271 -9.50 -14.43 -18.03
N ILE A 272 -8.30 -14.92 -17.79
CA ILE A 272 -7.54 -14.48 -16.62
C ILE A 272 -6.49 -13.47 -17.09
N ASP A 273 -6.04 -12.63 -16.18
CA ASP A 273 -4.86 -11.85 -16.47
C ASP A 273 -3.79 -12.20 -15.46
N ILE A 274 -2.57 -12.30 -15.96
CA ILE A 274 -1.43 -12.79 -15.21
C ILE A 274 -0.27 -11.77 -15.24
N SER A 275 0.51 -11.76 -14.16
CA SER A 275 1.66 -10.87 -13.99
C SER A 275 2.67 -11.54 -13.06
N GLU A 276 3.85 -10.96 -12.94
CA GLU A 276 4.85 -11.46 -11.99
C GLU A 276 4.28 -11.61 -10.58
N HIS A 277 3.23 -10.85 -10.27
CA HIS A 277 2.61 -10.91 -8.95
C HIS A 277 1.90 -12.23 -8.68
N ASN A 278 1.66 -13.02 -9.73
CA ASN A 278 1.14 -14.39 -9.58
C ASN A 278 2.26 -15.40 -9.33
N GLY A 279 3.50 -14.91 -9.30
CA GLY A 279 4.69 -15.76 -9.24
C GLY A 279 4.93 -16.46 -10.56
N ARG A 280 5.78 -17.47 -10.54
CA ARG A 280 6.07 -18.25 -11.73
C ARG A 280 5.06 -19.38 -11.91
N ILE A 281 4.51 -19.48 -13.11
CA ILE A 281 3.54 -20.51 -13.44
C ILE A 281 4.29 -21.63 -14.18
N ASN A 282 4.38 -22.78 -13.51
CA ASN A 282 5.19 -23.91 -13.98
C ASN A 282 4.41 -24.90 -14.83
N ASP A 283 3.10 -24.96 -14.64
CA ASP A 283 2.27 -25.88 -15.40
C ASP A 283 1.06 -25.18 -16.01
N TRP A 284 1.30 -24.50 -17.13
CA TRP A 284 0.28 -23.72 -17.82
C TRP A 284 -0.86 -24.57 -18.37
N LYS A 285 -0.52 -25.74 -18.93
CA LYS A 285 -1.52 -26.66 -19.45
C LYS A 285 -2.49 -27.12 -18.35
N LYS A 286 -1.95 -27.38 -17.15
CA LYS A 286 -2.78 -27.66 -15.97
C LYS A 286 -3.75 -26.51 -15.68
N VAL A 287 -3.21 -25.28 -15.66
CA VAL A 287 -4.02 -24.07 -15.41
C VAL A 287 -5.21 -23.93 -16.37
N ILE A 288 -4.92 -24.10 -17.66
CA ILE A 288 -5.89 -23.92 -18.74
C ILE A 288 -7.03 -24.95 -18.69
N ASP A 289 -6.65 -26.23 -18.61
CA ASP A 289 -7.62 -27.32 -18.65
C ASP A 289 -8.46 -27.41 -17.39
N GLU A 290 -7.80 -27.38 -16.24
CA GLU A 290 -8.45 -27.61 -14.95
C GLU A 290 -9.37 -26.48 -14.51
N ASN A 291 -9.11 -25.28 -15.04
CA ASN A 291 -9.93 -24.10 -14.73
C ASN A 291 -10.74 -23.64 -15.91
N GLU A 292 -10.68 -24.40 -16.99
CA GLU A 292 -11.39 -24.10 -18.23
C GLU A 292 -11.17 -22.67 -18.71
N VAL A 293 -9.89 -22.31 -18.84
CA VAL A 293 -9.50 -20.95 -19.22
C VAL A 293 -9.38 -20.86 -20.75
N ASP A 294 -10.12 -19.92 -21.33
CA ASP A 294 -10.18 -19.72 -22.79
C ASP A 294 -9.07 -18.84 -23.34
N GLY A 295 -8.54 -17.95 -22.49
CA GLY A 295 -7.44 -17.10 -22.89
C GLY A 295 -6.82 -16.36 -21.73
N VAL A 296 -5.70 -15.70 -21.97
CA VAL A 296 -4.93 -15.03 -20.90
C VAL A 296 -4.57 -13.62 -21.35
N ILE A 297 -4.68 -12.65 -20.45
CA ILE A 297 -4.07 -11.34 -20.69
C ILE A 297 -2.81 -11.23 -19.82
N VAL A 298 -1.66 -11.15 -20.47
CA VAL A 298 -0.37 -11.18 -19.79
C VAL A 298 0.17 -9.75 -19.57
N ARG A 299 0.69 -9.47 -18.37
CA ARG A 299 1.32 -8.18 -18.14
C ARG A 299 2.67 -8.10 -18.82
N LEU A 300 2.86 -7.03 -19.60
CA LEU A 300 4.16 -6.67 -20.17
C LEU A 300 5.07 -6.10 -19.10
N GLY A 301 4.43 -5.44 -18.13
CA GLY A 301 5.08 -4.65 -17.09
C GLY A 301 4.34 -3.33 -16.94
N TYR A 302 5.07 -2.31 -16.52
CA TYR A 302 4.53 -0.94 -16.45
C TYR A 302 5.50 -0.01 -17.15
N SER A 303 5.09 1.26 -17.29
CA SER A 303 5.91 2.30 -17.94
C SER A 303 7.38 2.24 -17.52
N GLY A 304 8.22 1.74 -18.42
CA GLY A 304 9.69 1.75 -18.25
C GLY A 304 10.31 0.48 -17.70
N LYS A 305 9.46 -0.45 -17.27
CA LYS A 305 9.91 -1.66 -16.59
C LYS A 305 9.16 -2.87 -17.14
N GLU A 306 9.90 -3.95 -17.43
CA GLU A 306 9.33 -5.16 -17.98
C GLU A 306 8.97 -6.16 -16.86
N ASP A 307 7.76 -6.72 -16.93
CA ASP A 307 7.31 -7.73 -15.97
C ASP A 307 8.30 -8.90 -15.90
N LYS A 308 8.67 -9.30 -14.68
CA LYS A 308 9.67 -10.36 -14.47
C LYS A 308 9.28 -11.71 -15.10
N GLU A 309 7.99 -12.00 -15.18
CA GLU A 309 7.55 -13.30 -15.71
C GLU A 309 7.17 -13.28 -17.20
N LEU A 310 7.25 -12.11 -17.82
CA LEU A 310 6.81 -11.95 -19.21
C LEU A 310 7.46 -12.95 -20.18
N ALA A 311 8.79 -13.08 -20.11
CA ALA A 311 9.53 -14.00 -20.98
C ALA A 311 9.02 -15.44 -20.87
N HIS A 312 8.92 -15.95 -19.65
CA HIS A 312 8.47 -17.31 -19.38
C HIS A 312 7.00 -17.52 -19.78
N ASN A 313 6.16 -16.54 -19.44
CA ASN A 313 4.74 -16.61 -19.78
C ASN A 313 4.50 -16.67 -21.28
N ILE A 314 5.12 -15.75 -22.02
CA ILE A 314 4.99 -15.74 -23.49
C ILE A 314 5.53 -17.02 -24.11
N LYS A 315 6.67 -17.50 -23.64
CA LYS A 315 7.29 -18.72 -24.15
C LYS A 315 6.36 -19.91 -24.03
N GLU A 316 5.77 -20.07 -22.85
CA GLU A 316 4.87 -21.19 -22.56
C GLU A 316 3.53 -21.12 -23.29
N LEU A 317 2.91 -19.94 -23.32
CA LEU A 317 1.67 -19.76 -24.04
C LEU A 317 1.84 -19.99 -25.54
N ASN A 318 2.96 -19.50 -26.09
CA ASN A 318 3.31 -19.75 -27.49
C ASN A 318 3.45 -21.23 -27.81
N ARG A 319 4.21 -21.95 -26.99
CA ARG A 319 4.47 -23.36 -27.18
C ARG A 319 3.21 -24.22 -27.09
N LEU A 320 2.31 -23.85 -26.17
CA LEU A 320 1.07 -24.58 -25.95
C LEU A 320 -0.08 -24.09 -26.82
N GLY A 321 0.07 -22.92 -27.44
CA GLY A 321 -0.94 -22.39 -28.33
C GLY A 321 -2.19 -21.90 -27.60
N ILE A 322 -1.98 -21.33 -26.41
CA ILE A 322 -3.02 -20.69 -25.62
C ILE A 322 -3.27 -19.27 -26.15
N PRO A 323 -4.56 -18.93 -26.42
CA PRO A 323 -4.82 -17.58 -26.91
C PRO A 323 -4.55 -16.53 -25.83
N TYR A 324 -3.85 -15.45 -26.20
CA TYR A 324 -3.52 -14.41 -25.22
C TYR A 324 -3.46 -13.04 -25.84
N GLY A 325 -3.65 -12.04 -25.00
CA GLY A 325 -3.37 -10.65 -25.33
C GLY A 325 -2.45 -10.15 -24.24
N VAL A 326 -2.24 -8.84 -24.17
CA VAL A 326 -1.27 -8.26 -23.23
C VAL A 326 -1.71 -6.92 -22.72
N TYR A 327 -1.09 -6.46 -21.64
CA TYR A 327 -1.40 -5.14 -21.09
C TYR A 327 -0.19 -4.45 -20.47
N LEU A 328 -0.15 -3.12 -20.63
CA LEU A 328 0.86 -2.28 -20.01
C LEU A 328 0.19 -1.37 -18.99
N TYR A 329 0.63 -1.45 -17.74
CA TYR A 329 0.19 -0.49 -16.73
C TYR A 329 0.88 0.85 -16.98
N THR A 330 0.09 1.90 -17.19
CA THR A 330 0.68 3.20 -17.52
C THR A 330 0.94 4.13 -16.32
N TYR A 331 2.13 4.70 -16.32
CA TYR A 331 2.49 5.80 -15.42
C TYR A 331 2.65 7.11 -16.21
N ALA A 332 1.94 7.21 -17.33
CA ALA A 332 2.03 8.38 -18.21
C ALA A 332 1.48 9.62 -17.54
N GLU A 333 1.93 10.78 -18.03
CA GLU A 333 1.66 12.07 -17.43
C GLU A 333 1.44 13.09 -18.53
N ASN A 334 1.79 12.69 -19.76
CA ASN A 334 1.75 13.54 -20.95
C ASN A 334 1.92 12.72 -22.22
N GLU A 335 1.92 13.39 -23.37
CA GLU A 335 2.05 12.72 -24.68
C GLU A 335 3.43 12.11 -24.93
N THR A 336 4.47 12.67 -24.32
CA THR A 336 5.82 12.09 -24.41
C THR A 336 5.81 10.71 -23.77
N ASP A 337 5.19 10.61 -22.60
CA ASP A 337 5.08 9.37 -21.85
C ASP A 337 4.25 8.32 -22.60
N ALA A 338 3.17 8.79 -23.22
CA ALA A 338 2.27 7.93 -23.98
C ALA A 338 2.96 7.33 -25.21
N GLU A 339 3.85 8.12 -25.83
CA GLU A 339 4.65 7.65 -26.96
C GLU A 339 5.69 6.63 -26.52
N ASN A 340 6.30 6.88 -25.36
CA ASN A 340 7.28 5.98 -24.76
C ASN A 340 6.69 4.64 -24.34
N ASP A 341 5.42 4.66 -23.95
CA ASP A 341 4.67 3.46 -23.56
C ASP A 341 4.45 2.56 -24.77
N ALA A 342 4.01 3.17 -25.86
CA ALA A 342 3.79 2.48 -27.13
C ALA A 342 5.08 1.91 -27.68
N LYS A 343 6.13 2.73 -27.72
CA LYS A 343 7.46 2.28 -28.13
C LYS A 343 7.92 1.05 -27.34
N GLN A 344 7.75 1.11 -26.02
CA GLN A 344 8.09 -0.02 -25.15
C GLN A 344 7.24 -1.25 -25.46
N THR A 345 5.95 -1.04 -25.70
CA THR A 345 5.03 -2.11 -26.03
C THR A 345 5.48 -2.83 -27.31
N ILE A 346 5.72 -2.04 -28.37
CA ILE A 346 6.17 -2.55 -29.67
C ILE A 346 7.45 -3.38 -29.53
N GLU A 347 8.44 -2.85 -28.80
CA GLU A 347 9.72 -3.55 -28.59
C GLU A 347 9.52 -4.93 -27.96
N LEU A 348 8.67 -4.99 -26.94
CA LEU A 348 8.38 -6.23 -26.22
C LEU A 348 7.68 -7.27 -27.10
N ILE A 349 6.72 -6.84 -27.90
CA ILE A 349 6.00 -7.72 -28.83
C ILE A 349 6.94 -8.44 -29.80
N LYS A 350 7.82 -7.68 -30.47
CA LYS A 350 8.80 -8.27 -31.41
C LYS A 350 9.84 -9.09 -30.67
N LYS A 351 10.31 -8.55 -29.55
CA LYS A 351 11.31 -9.24 -28.73
C LYS A 351 10.91 -10.66 -28.38
N TYR A 352 9.68 -10.84 -27.90
CA TYR A 352 9.22 -12.17 -27.45
C TYR A 352 8.38 -12.95 -28.47
N ASN A 353 8.30 -12.43 -29.69
CA ASN A 353 7.60 -13.11 -30.78
C ASN A 353 6.17 -13.39 -30.34
N MET A 354 5.51 -12.33 -29.87
CA MET A 354 4.16 -12.46 -29.36
C MET A 354 3.14 -12.69 -30.47
N ASN A 355 2.28 -13.66 -30.23
CA ASN A 355 1.21 -14.00 -31.13
C ASN A 355 -0.08 -13.65 -30.40
N LEU A 356 -0.68 -12.52 -30.79
CA LEU A 356 -1.76 -11.90 -30.04
C LEU A 356 -3.16 -12.23 -30.59
N SER A 357 -3.88 -13.09 -29.87
CA SER A 357 -5.27 -13.40 -30.22
C SER A 357 -6.21 -12.38 -29.61
N TYR A 358 -5.85 -11.88 -28.43
CA TYR A 358 -6.63 -10.86 -27.74
C TYR A 358 -5.89 -9.54 -27.88
N PRO A 359 -6.58 -8.40 -27.64
CA PRO A 359 -5.93 -7.10 -27.78
C PRO A 359 -4.69 -6.79 -26.93
N ILE A 360 -4.01 -5.73 -27.33
CA ILE A 360 -3.03 -5.02 -26.53
C ILE A 360 -3.82 -4.03 -25.68
N TYR A 361 -3.63 -4.08 -24.37
CA TYR A 361 -4.39 -3.23 -23.45
C TYR A 361 -3.56 -2.14 -22.78
N TYR A 362 -4.08 -0.93 -22.88
CA TYR A 362 -3.55 0.19 -22.15
C TYR A 362 -4.31 0.22 -20.83
N ASP A 363 -3.63 -0.22 -19.78
CA ASP A 363 -4.16 -0.28 -18.42
C ASP A 363 -4.11 1.12 -17.77
N VAL A 364 -5.26 1.80 -17.76
CA VAL A 364 -5.36 3.20 -17.26
C VAL A 364 -6.04 3.28 -15.89
N GLU A 365 -5.26 3.67 -14.88
CA GLU A 365 -5.74 3.75 -13.51
C GLU A 365 -5.30 5.06 -12.84
N ASN A 366 -5.75 5.29 -11.61
CA ASN A 366 -5.36 6.46 -10.84
C ASN A 366 -4.00 6.18 -10.20
N TRP A 367 -2.95 6.28 -11.02
CA TRP A 367 -1.61 5.88 -10.59
C TRP A 367 -0.95 6.90 -9.67
N GLU A 368 -0.05 6.39 -8.83
CA GLU A 368 0.75 7.19 -7.91
C GLU A 368 2.05 6.44 -7.65
N TYR A 369 3.19 7.15 -7.64
CA TYR A 369 4.46 6.52 -7.32
C TYR A 369 4.48 6.08 -5.86
N VAL A 370 5.32 5.10 -5.54
CA VAL A 370 5.39 4.54 -4.19
C VAL A 370 5.89 5.58 -3.18
N ASN A 371 6.87 6.39 -3.59
CA ASN A 371 7.32 7.50 -2.75
C ASN A 371 6.39 8.72 -2.81
N LYS A 372 5.30 8.58 -3.58
CA LYS A 372 4.23 9.57 -3.67
C LYS A 372 4.61 10.93 -4.28
N SER A 373 5.77 11.01 -4.91
CA SER A 373 6.26 12.24 -5.54
C SER A 373 5.38 12.68 -6.72
N LYS A 374 4.87 11.72 -7.49
CA LYS A 374 3.97 11.99 -8.61
C LYS A 374 2.72 11.14 -8.57
N ARG A 375 1.65 11.64 -9.20
CA ARG A 375 0.38 10.95 -9.32
C ARG A 375 -0.34 11.39 -10.59
N ALA A 376 -1.25 10.56 -11.07
CA ALA A 376 -1.96 10.78 -12.34
C ALA A 376 -2.63 12.15 -12.44
N PRO A 377 -2.62 12.75 -13.65
CA PRO A 377 -3.48 13.90 -13.94
C PRO A 377 -4.92 13.61 -13.54
N SER A 378 -5.63 14.64 -13.11
CA SER A 378 -7.03 14.49 -12.71
C SER A 378 -7.99 14.84 -13.85
N ASP A 379 -7.57 15.74 -14.73
CA ASP A 379 -8.45 16.25 -15.79
C ASP A 379 -8.66 15.30 -16.97
N THR A 380 -9.89 15.30 -17.49
CA THR A 380 -10.30 14.46 -18.62
C THR A 380 -9.47 14.74 -19.88
N ASP A 381 -9.21 16.02 -20.15
CA ASP A 381 -8.51 16.45 -21.37
C ASP A 381 -7.09 15.92 -21.52
N THR A 382 -6.34 15.87 -20.41
CA THR A 382 -4.96 15.33 -20.41
C THR A 382 -4.93 13.83 -20.73
N TRP A 383 -5.92 13.09 -20.25
CA TRP A 383 -6.01 11.67 -20.54
C TRP A 383 -6.53 11.35 -21.94
N VAL A 384 -7.37 12.24 -22.47
CA VAL A 384 -7.78 12.15 -23.87
C VAL A 384 -6.53 12.23 -24.75
N LYS A 385 -5.64 13.15 -24.41
CA LYS A 385 -4.38 13.37 -25.13
C LYS A 385 -3.45 12.18 -25.01
N ILE A 386 -3.24 11.72 -23.76
CA ILE A 386 -2.38 10.57 -23.46
C ILE A 386 -2.83 9.30 -24.19
N ILE A 387 -4.09 8.93 -23.99
CA ILE A 387 -4.68 7.74 -24.60
C ILE A 387 -4.67 7.83 -26.14
N ASN A 388 -5.07 8.99 -26.67
CA ASN A 388 -5.01 9.24 -28.12
C ASN A 388 -3.61 9.08 -28.68
N LYS A 389 -2.62 9.61 -27.98
CA LYS A 389 -1.23 9.48 -28.40
C LYS A 389 -0.79 8.02 -28.46
N TYR A 390 -0.96 7.29 -27.35
CA TYR A 390 -0.62 5.87 -27.30
C TYR A 390 -1.25 5.08 -28.47
N MET A 391 -2.56 5.25 -28.65
CA MET A 391 -3.32 4.63 -29.75
C MET A 391 -2.79 4.97 -31.14
N ASP A 392 -2.51 6.26 -31.37
CA ASP A 392 -1.97 6.75 -32.64
C ASP A 392 -0.60 6.15 -32.96
N THR A 393 0.30 6.15 -31.99
CA THR A 393 1.62 5.53 -32.15
C THR A 393 1.52 4.04 -32.48
N MET A 394 0.72 3.30 -31.71
CA MET A 394 0.46 1.88 -31.97
C MET A 394 -0.07 1.65 -33.36
N LYS A 395 -1.05 2.45 -33.75
CA LYS A 395 -1.68 2.41 -35.08
C LYS A 395 -0.68 2.61 -36.23
N GLN A 396 0.20 3.61 -36.10
CA GLN A 396 1.16 3.90 -37.16
C GLN A 396 2.28 2.85 -37.22
N ALA A 397 2.42 2.08 -36.14
CA ALA A 397 3.40 0.98 -36.08
C ALA A 397 2.82 -0.33 -36.63
N GLY A 398 1.52 -0.30 -36.95
CA GLY A 398 0.83 -1.45 -37.53
C GLY A 398 -0.08 -2.23 -36.59
N TYR A 399 -0.24 -1.74 -35.36
CA TYR A 399 -1.09 -2.42 -34.37
C TYR A 399 -2.41 -1.68 -34.16
N GLN A 400 -3.50 -2.29 -34.62
CA GLN A 400 -4.83 -1.69 -34.47
C GLN A 400 -5.76 -2.39 -33.48
N ASN A 401 -5.39 -3.61 -33.08
CA ASN A 401 -6.14 -4.31 -32.03
C ASN A 401 -5.65 -3.86 -30.65
N VAL A 402 -5.85 -2.56 -30.38
CA VAL A 402 -5.37 -1.92 -29.17
C VAL A 402 -6.57 -1.27 -28.47
N TYR A 403 -6.69 -1.50 -27.16
CA TYR A 403 -7.84 -1.00 -26.41
C TYR A 403 -7.42 -0.50 -25.03
N VAL A 404 -8.36 0.12 -24.33
CA VAL A 404 -8.12 0.65 -22.99
C VAL A 404 -8.83 -0.23 -21.97
N TYR A 405 -8.13 -0.49 -20.88
CA TYR A 405 -8.71 -1.14 -19.71
C TYR A 405 -8.72 -0.14 -18.56
N SER A 406 -9.83 -0.12 -17.83
CA SER A 406 -9.90 0.64 -16.57
C SER A 406 -11.02 0.06 -15.70
N TYR A 407 -11.21 0.65 -14.52
CA TYR A 407 -12.29 0.29 -13.61
C TYR A 407 -13.43 1.29 -13.68
N ARG A 408 -14.64 0.80 -13.37
CA ARG A 408 -15.92 1.48 -13.56
C ARG A 408 -15.97 2.94 -13.10
N SER A 409 -15.61 3.17 -11.84
CA SER A 409 -15.68 4.50 -11.24
C SER A 409 -14.90 5.55 -12.03
N LEU A 410 -13.74 5.14 -12.55
CA LEU A 410 -12.90 6.04 -13.35
C LEU A 410 -13.46 6.31 -14.75
N LEU A 411 -14.09 5.29 -15.35
CA LEU A 411 -14.78 5.43 -16.63
C LEU A 411 -16.03 6.31 -16.52
N GLN A 412 -16.54 6.44 -15.29
CA GLN A 412 -17.70 7.26 -14.97
C GLN A 412 -17.30 8.71 -14.69
N THR A 413 -16.05 8.92 -14.28
CA THR A 413 -15.54 10.25 -13.92
C THR A 413 -14.49 10.76 -14.93
N ARG A 414 -13.22 10.75 -14.52
CA ARG A 414 -12.16 11.42 -15.28
C ARG A 414 -11.82 10.81 -16.65
N LEU A 415 -12.58 9.80 -17.05
CA LEU A 415 -12.33 9.10 -18.31
C LEU A 415 -13.58 9.09 -19.20
N LYS A 416 -14.66 9.69 -18.69
CA LYS A 416 -15.94 9.73 -19.40
C LYS A 416 -15.89 10.72 -20.58
N HIS A 417 -15.36 10.24 -21.69
CA HIS A 417 -15.18 11.05 -22.89
C HIS A 417 -15.28 10.13 -24.09
N PRO A 418 -16.01 10.54 -25.15
CA PRO A 418 -16.23 9.71 -26.33
C PRO A 418 -14.95 9.19 -27.01
N ASP A 419 -13.87 9.97 -26.94
CA ASP A 419 -12.60 9.62 -27.59
C ASP A 419 -11.80 8.57 -26.83
N ILE A 420 -12.05 8.48 -25.53
CA ILE A 420 -11.46 7.47 -24.68
C ILE A 420 -12.37 6.25 -24.71
N LEU A 421 -13.63 6.45 -24.33
CA LEU A 421 -14.60 5.37 -24.18
C LEU A 421 -14.78 4.53 -25.44
N LYS A 422 -14.45 5.08 -26.61
CA LYS A 422 -14.46 4.32 -27.87
C LYS A 422 -13.39 3.22 -27.90
N HIS A 423 -12.38 3.35 -27.04
CA HIS A 423 -11.29 2.37 -26.93
C HIS A 423 -11.49 1.38 -25.78
N VAL A 424 -12.59 1.51 -25.04
CA VAL A 424 -12.79 0.69 -23.84
C VAL A 424 -13.66 -0.55 -24.13
N ASN A 425 -13.07 -1.73 -23.96
CA ASN A 425 -13.82 -2.99 -24.10
C ASN A 425 -13.44 -4.01 -23.01
N TRP A 426 -12.73 -3.54 -22.00
CA TRP A 426 -12.38 -4.36 -20.86
C TRP A 426 -12.47 -3.52 -19.59
N VAL A 427 -13.50 -3.81 -18.79
CA VAL A 427 -13.86 -3.00 -17.61
C VAL A 427 -13.83 -3.82 -16.33
N ALA A 428 -13.15 -3.30 -15.31
CA ALA A 428 -13.13 -3.91 -13.98
C ALA A 428 -14.24 -3.34 -13.11
N ALA A 429 -14.98 -4.23 -12.44
CA ALA A 429 -15.94 -3.84 -11.40
C ALA A 429 -16.17 -5.08 -10.55
N TYR A 430 -15.55 -5.11 -9.38
CA TYR A 430 -15.63 -6.26 -8.50
C TYR A 430 -16.91 -6.15 -7.68
N THR A 431 -18.03 -6.30 -8.41
CA THR A 431 -19.36 -5.99 -7.93
C THR A 431 -20.31 -7.13 -8.28
N ASN A 432 -21.57 -6.99 -7.90
CA ASN A 432 -22.59 -8.01 -8.12
C ASN A 432 -23.05 -8.07 -9.57
N ALA A 433 -22.90 -6.94 -10.26
CA ALA A 433 -23.18 -6.81 -11.69
C ALA A 433 -22.37 -5.62 -12.21
N LEU A 434 -21.95 -5.65 -13.47
CA LEU A 434 -21.21 -4.53 -14.05
C LEU A 434 -21.99 -3.20 -13.97
N GLU A 435 -23.23 -3.21 -14.47
CA GLU A 435 -24.11 -2.03 -14.40
C GLU A 435 -23.40 -0.76 -14.87
N TRP A 436 -22.91 -0.83 -16.11
CA TRP A 436 -22.22 0.27 -16.78
C TRP A 436 -22.39 0.06 -18.27
N GLU A 437 -22.84 1.11 -18.95
CA GLU A 437 -23.04 1.08 -20.40
C GLU A 437 -22.06 1.98 -21.15
N ASN A 438 -21.64 1.54 -22.33
CA ASN A 438 -20.70 2.30 -23.16
C ASN A 438 -21.27 2.49 -24.57
N PRO A 439 -21.84 3.68 -24.85
CA PRO A 439 -22.44 3.96 -26.16
C PRO A 439 -21.38 4.02 -27.26
N TYR A 440 -20.15 4.33 -26.88
CA TYR A 440 -19.06 4.56 -27.82
C TYR A 440 -18.27 3.31 -28.23
N TYR A 441 -18.61 2.15 -27.65
CA TYR A 441 -18.06 0.89 -28.13
C TYR A 441 -19.13 -0.17 -28.34
N SER A 442 -19.02 -0.89 -29.46
CA SER A 442 -19.92 -1.97 -29.80
C SER A 442 -19.15 -3.23 -30.20
N GLY A 443 -19.53 -4.37 -29.63
CA GLY A 443 -18.92 -5.65 -29.98
C GLY A 443 -18.47 -6.44 -28.76
N GLU A 444 -17.57 -7.39 -29.00
CA GLU A 444 -17.03 -8.25 -27.96
C GLU A 444 -16.31 -7.46 -26.87
N LYS A 445 -16.58 -7.81 -25.61
CA LYS A 445 -16.03 -7.06 -24.48
C LYS A 445 -15.81 -7.97 -23.26
N GLY A 446 -15.01 -7.49 -22.32
CA GLY A 446 -14.75 -8.25 -21.10
C GLY A 446 -15.11 -7.49 -19.85
N TRP A 447 -15.52 -8.23 -18.82
CA TRP A 447 -15.81 -7.67 -17.50
C TRP A 447 -14.96 -8.40 -16.48
N GLN A 448 -13.99 -7.70 -15.92
CA GLN A 448 -13.17 -8.22 -14.83
C GLN A 448 -13.96 -8.07 -13.55
N TYR A 449 -14.54 -9.18 -13.09
CA TYR A 449 -15.50 -9.22 -12.00
C TYR A 449 -14.88 -9.63 -10.65
N THR A 450 -13.61 -10.03 -10.67
CA THR A 450 -12.93 -10.46 -9.44
C THR A 450 -11.40 -10.33 -9.49
N SER A 451 -10.80 -10.15 -8.32
CA SER A 451 -9.36 -10.17 -8.16
C SER A 451 -8.98 -11.21 -7.11
N SER A 452 -9.93 -12.05 -6.73
CA SER A 452 -9.72 -12.93 -5.60
C SER A 452 -10.13 -14.41 -5.81
N GLU A 453 -10.11 -14.83 -7.07
CA GLU A 453 -10.44 -16.21 -7.42
C GLU A 453 -9.22 -17.06 -7.12
N TYR A 454 -9.45 -18.29 -6.68
CA TYR A 454 -8.40 -19.29 -6.60
C TYR A 454 -8.50 -20.27 -7.77
N MET A 455 -7.36 -20.68 -8.30
CA MET A 455 -7.31 -21.58 -9.44
C MET A 455 -6.30 -22.70 -9.26
N LYS A 456 -6.65 -23.90 -9.74
CA LYS A 456 -5.72 -25.05 -9.77
C LYS A 456 -4.51 -24.65 -10.60
N GLY A 457 -3.33 -24.88 -10.04
CA GLY A 457 -2.10 -24.64 -10.78
C GLY A 457 -1.53 -23.25 -10.58
N ILE A 458 -2.24 -22.41 -9.82
CA ILE A 458 -1.75 -21.07 -9.46
C ILE A 458 -1.78 -20.90 -7.95
N GLN A 459 -0.77 -20.21 -7.42
CA GLN A 459 -0.74 -19.82 -6.01
C GLN A 459 -1.29 -18.41 -5.82
N GLY A 460 -2.18 -18.27 -4.85
CA GLY A 460 -2.78 -16.97 -4.51
C GLY A 460 -3.99 -16.64 -5.34
N ARG A 461 -4.48 -15.40 -5.18
CA ARG A 461 -5.66 -14.91 -5.88
C ARG A 461 -5.34 -14.64 -7.34
N VAL A 462 -6.34 -14.81 -8.21
CA VAL A 462 -6.24 -14.57 -9.64
C VAL A 462 -7.34 -13.63 -10.12
N ASP A 463 -6.98 -12.69 -11.00
CA ASP A 463 -7.96 -11.86 -11.72
C ASP A 463 -8.65 -12.69 -12.78
N VAL A 464 -9.98 -12.63 -12.81
CA VAL A 464 -10.77 -13.37 -13.80
C VAL A 464 -11.81 -12.45 -14.42
N SER A 465 -12.00 -12.60 -15.73
CA SER A 465 -12.99 -11.85 -16.50
C SER A 465 -13.92 -12.80 -17.25
N VAL A 466 -15.10 -12.30 -17.61
CA VAL A 466 -15.97 -12.96 -18.56
C VAL A 466 -15.99 -12.13 -19.86
N TRP A 467 -15.66 -12.79 -20.97
CA TRP A 467 -15.73 -12.19 -22.31
C TRP A 467 -17.03 -12.58 -23.00
N TYR A 468 -17.68 -11.60 -23.61
CA TYR A 468 -19.04 -11.79 -24.13
C TYR A 468 -19.41 -10.79 -25.22
C1 MUB B . -13.16 2.61 -7.13
C2 MUB B . -13.23 1.40 -8.09
C3 MUB B . -12.24 0.30 -7.75
C4 MUB B . -10.83 0.88 -7.60
C5 MUB B . -10.81 2.09 -6.66
C6 MUB B . -9.47 2.79 -6.64
C7 MUB B . -15.35 0.72 -9.08
C8 MUB B . -16.70 0.08 -8.91
C9 MUB B . -12.27 -2.06 -8.39
C10 MUB B . -13.53 -2.43 -7.67
C11 MUB B . -12.11 -2.88 -9.67
O1 MUB B . -13.63 2.29 -5.82
O3 MUB B . -12.29 -0.68 -8.79
O4 MUB B . -9.95 -0.16 -7.13
O5 MUB B . -11.80 3.06 -7.07
O6 MUB B . -9.32 3.56 -5.44
O7 MUB B . -15.00 1.16 -10.17
O10 MUB B . -14.58 -2.57 -8.26
N2 MUB B . -14.57 0.79 -8.00
C1 NAG B . -8.79 -0.36 -7.93
C2 NAG B . -7.65 -0.89 -7.05
C3 NAG B . -6.39 -1.12 -7.89
C4 NAG B . -6.71 -2.08 -9.04
C5 NAG B . -7.93 -1.63 -9.84
C6 NAG B . -8.37 -2.71 -10.81
C7 NAG B . -7.60 0.04 -4.79
C8 NAG B . -7.18 1.20 -3.93
N2 NAG B . -7.31 0.16 -6.09
O3 NAG B . -5.35 -1.65 -7.06
O4 NAG B . -5.56 -2.16 -9.92
O5 NAG B . -9.04 -1.31 -8.98
O6 NAG B . -9.02 -2.08 -11.92
O7 NAG B . -8.19 -0.93 -4.34
C1 GOL C . 20.17 25.22 31.91
O1 GOL C . 19.51 24.01 32.21
C2 GOL C . 20.05 25.48 30.40
O2 GOL C . 20.42 24.30 29.73
C3 GOL C . 20.95 26.65 30.00
O3 GOL C . 21.06 26.75 28.60
C1 GOL D . 20.05 5.59 15.26
O1 GOL D . 18.89 6.38 15.44
C2 GOL D . 20.44 4.92 16.57
O2 GOL D . 21.83 4.70 16.59
C3 GOL D . 19.73 3.57 16.67
O3 GOL D . 18.44 3.76 17.22
C1 GOL E . 6.66 -1.22 26.88
O1 GOL E . 7.45 -0.21 27.53
C2 GOL E . 5.94 -1.99 27.97
O2 GOL E . 6.49 -3.30 28.00
C3 GOL E . 4.45 -2.03 27.69
O3 GOL E . 4.20 -2.52 26.39
C1 GOL F . 9.10 -2.02 14.02
O1 GOL F . 8.51 -2.04 15.30
C2 GOL F . 8.02 -1.97 12.93
O2 GOL F . 7.32 -3.21 12.93
C3 GOL F . 8.70 -1.74 11.58
O3 GOL F . 7.88 -2.17 10.51
C1 GOL G . -2.59 -11.67 23.31
O1 GOL G . -1.97 -12.02 24.54
C2 GOL G . -2.34 -10.19 23.05
O2 GOL G . -2.90 -9.42 24.09
C3 GOL G . -2.92 -9.78 21.71
O3 GOL G . -4.33 -9.94 21.67
C1 GOL H . -8.67 -5.03 25.62
O1 GOL H . -9.29 -4.21 26.59
C2 GOL H . -9.13 -6.47 25.80
O2 GOL H . -8.22 -7.35 25.18
C3 GOL H . -10.50 -6.65 25.13
O3 GOL H . -10.90 -8.01 25.32
C1 GOL I . -17.61 -24.04 -23.66
O1 GOL I . -18.37 -24.73 -22.71
C2 GOL I . -17.26 -22.63 -23.18
O2 GOL I . -17.73 -21.68 -24.10
C3 GOL I . -15.74 -22.49 -23.07
O3 GOL I . -15.25 -21.66 -24.09
C4 CHT J . 32.65 31.42 30.44
C5 CHT J . 31.18 31.47 30.01
C6 CHT J . 29.17 30.16 29.98
C7 CHT J . 31.22 29.05 30.42
C8 CHT J . 30.75 29.90 28.23
O6 CHT J . 33.55 31.43 29.33
N1 CHT J . 30.60 30.15 29.67
C4 CHT K . 23.38 17.06 38.16
C5 CHT K . 24.37 16.21 38.97
C6 CHT K . 26.66 16.98 39.02
C7 CHT K . 25.70 16.37 36.92
C8 CHT K . 26.14 14.70 38.53
O6 CHT K . 22.62 17.89 39.03
N1 CHT K . 25.70 16.09 38.36
C4 CHT L . 26.53 8.18 26.89
C5 CHT L . 25.98 8.75 25.58
C6 CHT L . 23.58 8.98 25.76
C7 CHT L . 24.49 6.82 25.66
C8 CHT L . 24.53 8.24 23.73
O6 CHT L . 27.62 8.98 27.37
N1 CHT L . 24.66 8.19 25.20
C4 CHT M . 9.31 16.65 20.75
C5 CHT M . 9.90 15.39 20.10
C6 CHT M . 11.91 16.78 19.90
C7 CHT M . 10.79 15.97 17.91
C8 CHT M . 11.94 14.46 19.35
O6 CHT M . 8.67 17.43 19.72
N1 CHT M . 11.12 15.67 19.31
C4 CHT N . 3.75 1.95 29.26
C5 CHT N . 2.48 2.75 29.58
C6 CHT N . 1.20 4.77 29.22
C7 CHT N . 3.02 4.31 27.78
C8 CHT N . 3.42 4.89 30.10
O6 CHT N . 4.03 1.05 30.34
N1 CHT N . 2.54 4.17 29.16
C4 CHT O . 3.83 -6.05 18.37
C5 CHT O . 2.94 -5.98 17.13
C6 CHT O . 0.58 -5.70 17.14
C7 CHT O . 1.44 -7.56 18.36
C8 CHT O . 1.56 -7.57 15.97
O6 CHT O . 3.31 -5.29 19.45
N1 CHT O . 1.65 -6.71 17.17
C4 CHT P . -8.90 -0.86 4.90
C5 CHT P . -8.22 -0.18 6.10
C6 CHT P . -9.65 0.32 7.93
C7 CHT P . -10.10 1.41 5.84
C8 CHT P . -8.16 2.00 7.11
O6 CHT P . -8.15 -2.02 4.51
N1 CHT P . -9.03 0.88 6.73
N ALA Q . -13.41 -2.59 -6.35
CA ALA Q . -14.55 -2.95 -5.50
C ALA Q . -15.42 -1.74 -5.19
O ALA Q . -14.96 -0.62 -5.31
CB ALA Q . -14.01 -3.58 -4.22
N GLN R . -16.69 -1.98 -4.81
CA GLN R . -17.63 -0.91 -4.47
C GLN R . -18.30 -0.27 -5.66
O GLN R . -18.22 0.96 -5.83
CB GLN R . -18.68 -1.58 -3.59
CG GLN R . -18.40 -1.39 -2.11
CD GLN R . -19.69 -1.27 -1.35
OE1 GLN R . -20.39 -2.25 -1.14
OXT GLN R . -18.94 -1.03 -6.46
#